data_4KWH
#
_entry.id   4KWH
#
_cell.length_a   92.500
_cell.length_b   92.500
_cell.length_c   106.300
_cell.angle_alpha   90.00
_cell.angle_beta   90.00
_cell.angle_gamma   90.00
#
_symmetry.space_group_name_H-M   'P 41 21 2'
#
loop_
_entity.id
_entity.type
_entity.pdbx_description
1 polymer 'Reductase homolog'
2 non-polymer 'NADP NICOTINAMIDE-ADENINE-DINUCLEOTIDE PHOSPHATE'
3 non-polymer 'ACETIC ACID'
4 non-polymer DI(HYDROXYETHYL)ETHER
5 water water
#
_entity_poly.entity_id   1
_entity_poly.type   'polypeptide(L)'
_entity_poly.pdbx_seq_one_letter_code
;MAHHHHHHHRSGNLTGKTALVTGASRGIGRAIAEKLGYAGALVAVHYATGADAAAEVAESIEKDGGRAFTVKAELGVPGD
VDVLFEGLERGLKERTGATDLDILVNNAGVMAMGAPEEVTPEMFDRMMAVNAKAPFFIVQRALSVMPDGGRIINVSSGLT
RVASPDQVTYGMSKGALEQIALHFSRHLGSRRITVNSVAPGSTDNGSALFQIPEVRETLSQLSTFGEVAEPAAIADVVAF
LASEDARWITGAFIDASGGTLLG
;
_entity_poly.pdbx_strand_id   A,B
#
loop_
_chem_comp.id
_chem_comp.type
_chem_comp.name
_chem_comp.formula
ACY non-polymer 'ACETIC ACID' 'C2 H4 O2'
NAP non-polymer 'NADP NICOTINAMIDE-ADENINE-DINUCLEOTIDE PHOSPHATE' 'C21 H28 N7 O17 P3'
PEG non-polymer DI(HYDROXYETHYL)ETHER 'C4 H10 O3'
#
# COMPACT_ATOMS: atom_id res chain seq x y z
N GLY A 12 10.69 -17.66 1.62
CA GLY A 12 9.89 -16.44 1.32
C GLY A 12 10.72 -15.17 1.38
N ASN A 13 10.05 -14.03 1.14
CA ASN A 13 10.73 -12.75 0.99
C ASN A 13 11.24 -12.11 2.30
N LEU A 14 10.93 -12.72 3.46
CA LEU A 14 11.48 -12.24 4.74
C LEU A 14 12.46 -13.22 5.38
N THR A 15 13.02 -14.14 4.61
CA THR A 15 13.89 -15.15 5.17
C THR A 15 15.14 -14.45 5.71
N GLY A 16 15.57 -14.84 6.90
CA GLY A 16 16.67 -14.17 7.59
C GLY A 16 16.31 -12.96 8.43
N LYS A 17 15.05 -12.50 8.35
CA LYS A 17 14.59 -11.33 9.10
C LYS A 17 13.95 -11.77 10.41
N THR A 18 13.91 -10.86 11.36
CA THR A 18 13.23 -11.08 12.62
C THR A 18 12.13 -10.05 12.77
N ALA A 19 11.06 -10.44 13.46
CA ALA A 19 9.91 -9.59 13.65
C ALA A 19 9.28 -9.73 15.03
N LEU A 20 8.79 -8.61 15.56
CA LEU A 20 7.96 -8.58 16.76
C LEU A 20 6.59 -8.12 16.35
N VAL A 21 5.58 -8.91 16.69
CA VAL A 21 4.20 -8.51 16.44
C VAL A 21 3.56 -8.44 17.81
N THR A 22 3.24 -7.23 18.27
CA THR A 22 2.56 -7.12 19.55
C THR A 22 1.09 -7.53 19.43
N GLY A 23 0.55 -8.12 20.49
CA GLY A 23 -0.83 -8.58 20.49
C GLY A 23 -1.08 -9.60 19.39
N ALA A 24 -0.23 -10.63 19.34
CA ALA A 24 -0.28 -11.63 18.27
C ALA A 24 -0.98 -12.92 18.66
N SER A 25 -1.55 -12.95 19.86
CA SER A 25 -2.24 -14.15 20.38
C SER A 25 -3.60 -14.41 19.71
N ARG A 26 -4.18 -13.38 19.10
N ARG A 26 -4.18 -13.38 19.09
CA ARG A 26 -5.51 -13.47 18.52
CA ARG A 26 -5.48 -13.53 18.44
C ARG A 26 -5.72 -12.38 17.47
C ARG A 26 -5.73 -12.39 17.48
N GLY A 27 -6.83 -12.49 16.75
CA GLY A 27 -7.28 -11.40 15.87
C GLY A 27 -6.31 -11.03 14.76
N ILE A 28 -6.22 -9.73 14.52
CA ILE A 28 -5.39 -9.21 13.45
C ILE A 28 -3.92 -9.55 13.70
N GLY A 29 -3.48 -9.47 14.94
CA GLY A 29 -2.06 -9.70 15.24
C GLY A 29 -1.66 -11.14 14.97
N ARG A 30 -2.54 -12.08 15.28
CA ARG A 30 -2.33 -13.49 14.97
C ARG A 30 -2.18 -13.69 13.46
N ALA A 31 -3.04 -13.03 12.69
CA ALA A 31 -2.97 -13.15 11.23
C ALA A 31 -1.67 -12.57 10.68
N ILE A 32 -1.28 -11.43 11.21
CA ILE A 32 -0.01 -10.81 10.86
C ILE A 32 1.18 -11.74 11.18
N ALA A 33 1.23 -12.28 12.40
CA ALA A 33 2.30 -13.20 12.82
C ALA A 33 2.38 -14.40 11.87
N GLU A 34 1.23 -15.02 11.61
CA GLU A 34 1.16 -16.15 10.71
C GLU A 34 1.70 -15.79 9.33
N LYS A 35 1.31 -14.64 8.79
CA LYS A 35 1.75 -14.23 7.46
C LYS A 35 3.27 -13.92 7.41
N LEU A 36 3.77 -13.21 8.41
CA LEU A 36 5.19 -12.88 8.45
C LEU A 36 6.04 -14.16 8.61
N GLY A 37 5.55 -15.10 9.42
CA GLY A 37 6.24 -16.37 9.65
C GLY A 37 6.30 -17.19 8.37
N TYR A 38 5.19 -17.19 7.62
CA TYR A 38 5.13 -17.92 6.35
C TYR A 38 6.09 -17.36 5.31
N ALA A 39 6.31 -16.05 5.36
CA ALA A 39 7.24 -15.35 4.49
C ALA A 39 8.70 -15.55 4.93
N GLY A 40 8.92 -16.21 6.06
CA GLY A 40 10.27 -16.57 6.52
C GLY A 40 10.85 -15.85 7.72
N ALA A 41 10.12 -14.89 8.29
CA ALA A 41 10.65 -14.14 9.43
C ALA A 41 10.58 -14.99 10.69
N LEU A 42 11.59 -14.88 11.56
CA LEU A 42 11.48 -15.40 12.93
C LEU A 42 10.57 -14.45 13.69
N VAL A 43 9.41 -14.94 14.12
CA VAL A 43 8.39 -14.09 14.72
C VAL A 43 8.31 -14.25 16.23
N ALA A 44 8.44 -13.12 16.92
CA ALA A 44 8.15 -13.05 18.33
C ALA A 44 6.66 -12.73 18.48
N VAL A 45 5.94 -13.71 19.03
CA VAL A 45 4.48 -13.67 19.21
C VAL A 45 4.18 -13.11 20.60
N HIS A 46 3.84 -11.84 20.67
CA HIS A 46 3.64 -11.17 21.95
C HIS A 46 2.22 -11.24 22.46
N TYR A 47 2.06 -11.25 23.79
CA TYR A 47 0.76 -11.33 24.43
C TYR A 47 0.82 -10.73 25.85
N ALA A 48 -0.34 -10.46 26.45
CA ALA A 48 -0.39 -9.96 27.83
C ALA A 48 -0.80 -11.09 28.77
N THR A 49 -1.92 -11.74 28.49
CA THR A 49 -2.37 -12.86 29.32
C THR A 49 -2.75 -14.11 28.54
N GLY A 50 -2.93 -13.98 27.22
CA GLY A 50 -3.30 -15.11 26.35
C GLY A 50 -2.17 -16.08 26.00
N ALA A 51 -1.57 -16.71 27.02
CA ALA A 51 -0.37 -17.53 26.85
C ALA A 51 -0.62 -18.76 26.00
N ASP A 52 -1.75 -19.45 26.21
CA ASP A 52 -2.07 -20.66 25.45
C ASP A 52 -2.38 -20.33 24.00
N ALA A 53 -3.09 -19.22 23.77
CA ALA A 53 -3.40 -18.78 22.42
C ALA A 53 -2.11 -18.38 21.71
N ALA A 54 -1.22 -17.67 22.41
CA ALA A 54 0.07 -17.28 21.84
C ALA A 54 0.90 -18.51 21.45
N ALA A 55 0.90 -19.50 22.33
CA ALA A 55 1.61 -20.76 22.08
C ALA A 55 1.07 -21.44 20.82
N GLU A 56 -0.25 -21.40 20.64
CA GLU A 56 -0.89 -21.96 19.44
C GLU A 56 -0.43 -21.27 18.17
N VAL A 57 -0.28 -19.96 18.23
CA VAL A 57 0.17 -19.21 17.06
C VAL A 57 1.61 -19.57 16.73
N ALA A 58 2.47 -19.59 17.74
CA ALA A 58 3.87 -19.92 17.54
C ALA A 58 3.99 -21.33 16.96
N GLU A 59 3.18 -22.27 17.45
CA GLU A 59 3.23 -23.65 16.94
C GLU A 59 2.73 -23.76 15.51
N SER A 60 1.69 -23.00 15.20
CA SER A 60 1.16 -22.95 13.85
C SER A 60 2.23 -22.46 12.84
N ILE A 61 2.98 -21.44 13.24
CA ILE A 61 4.11 -20.96 12.42
C ILE A 61 5.17 -22.03 12.22
N GLU A 62 5.54 -22.71 13.29
N GLU A 62 5.54 -22.74 13.27
CA GLU A 62 6.53 -23.79 13.23
CA GLU A 62 6.56 -23.79 13.15
C GLU A 62 6.03 -24.95 12.37
C GLU A 62 6.04 -25.00 12.38
N LYS A 63 4.76 -25.32 12.56
CA LYS A 63 4.13 -26.43 11.83
C LYS A 63 4.22 -26.25 10.32
N ASP A 64 4.05 -25.00 9.86
CA ASP A 64 4.10 -24.65 8.44
C ASP A 64 5.52 -24.36 7.94
N GLY A 65 6.54 -24.68 8.74
CA GLY A 65 7.93 -24.60 8.31
C GLY A 65 8.73 -23.41 8.79
N GLY A 66 8.12 -22.53 9.58
CA GLY A 66 8.80 -21.32 10.07
C GLY A 66 9.41 -21.43 11.45
N ARG A 67 9.74 -20.27 12.01
CA ARG A 67 10.32 -20.16 13.34
C ARG A 67 9.60 -19.08 14.13
N ALA A 68 9.30 -19.37 15.39
CA ALA A 68 8.57 -18.43 16.24
C ALA A 68 8.69 -18.76 17.71
N PHE A 69 8.45 -17.77 18.55
CA PHE A 69 8.43 -17.97 19.99
C PHE A 69 7.54 -16.91 20.63
N THR A 70 7.11 -17.15 21.86
CA THR A 70 6.19 -16.21 22.51
C THR A 70 6.91 -15.33 23.52
N VAL A 71 6.38 -14.12 23.74
N VAL A 71 6.36 -14.12 23.72
CA VAL A 71 6.95 -13.18 24.70
CA VAL A 71 6.84 -13.19 24.75
C VAL A 71 5.80 -12.47 25.44
C VAL A 71 5.68 -12.57 25.46
N LYS A 72 5.73 -12.63 26.77
CA LYS A 72 4.69 -12.03 27.60
C LYS A 72 5.10 -10.62 28.04
N ALA A 73 4.23 -9.65 27.82
CA ALA A 73 4.37 -8.34 28.48
C ALA A 73 3.05 -7.62 28.51
N GLU A 74 2.55 -7.34 29.71
CA GLU A 74 1.41 -6.46 29.88
C GLU A 74 1.87 -5.04 29.58
N LEU A 75 1.28 -4.42 28.56
CA LEU A 75 1.61 -3.05 28.19
C LEU A 75 0.70 -2.06 28.92
N GLY A 76 1.23 -0.86 29.14
CA GLY A 76 0.48 0.21 29.81
C GLY A 76 0.72 0.30 31.30
N VAL A 77 1.76 -0.38 31.77
CA VAL A 77 2.10 -0.36 33.18
C VAL A 77 3.61 -0.11 33.30
N PRO A 78 4.07 0.41 34.46
CA PRO A 78 5.51 0.63 34.61
C PRO A 78 6.33 -0.62 34.36
N GLY A 79 7.45 -0.48 33.65
CA GLY A 79 8.35 -1.62 33.41
C GLY A 79 8.00 -2.46 32.18
N ASP A 80 6.91 -2.10 31.50
CA ASP A 80 6.36 -2.90 30.38
C ASP A 80 7.35 -3.11 29.24
N VAL A 81 7.96 -2.02 28.80
CA VAL A 81 8.88 -2.10 27.66
C VAL A 81 10.16 -2.86 28.05
N ASP A 82 10.62 -2.70 29.30
CA ASP A 82 11.74 -3.47 29.82
C ASP A 82 11.45 -4.97 29.80
N VAL A 83 10.26 -5.36 30.25
CA VAL A 83 9.87 -6.78 30.26
C VAL A 83 9.83 -7.29 28.83
N LEU A 84 9.22 -6.51 27.94
CA LEU A 84 9.05 -6.93 26.55
C LEU A 84 10.41 -7.14 25.91
N PHE A 85 11.29 -6.18 26.05
CA PHE A 85 12.58 -6.26 25.36
C PHE A 85 13.57 -7.21 25.99
N GLU A 86 13.47 -7.43 27.30
CA GLU A 86 14.25 -8.51 27.92
C GLU A 86 13.86 -9.84 27.28
N GLY A 87 12.57 -10.13 27.21
CA GLY A 87 12.11 -11.39 26.64
C GLY A 87 12.44 -11.50 25.15
N LEU A 88 12.23 -10.41 24.44
CA LEU A 88 12.44 -10.42 22.98
C LEU A 88 13.91 -10.63 22.67
N GLU A 89 14.76 -9.80 23.25
CA GLU A 89 16.19 -9.82 22.89
C GLU A 89 16.86 -11.15 23.31
N ARG A 90 16.47 -11.68 24.47
N ARG A 90 16.46 -11.69 24.46
CA ARG A 90 16.98 -12.99 24.90
CA ARG A 90 17.01 -12.96 24.91
C ARG A 90 16.59 -14.08 23.92
C ARG A 90 16.57 -14.12 24.00
N GLY A 91 15.32 -14.08 23.52
CA GLY A 91 14.80 -15.05 22.57
C GLY A 91 15.42 -14.94 21.20
N LEU A 92 15.63 -13.72 20.71
CA LEU A 92 16.31 -13.52 19.42
C LEU A 92 17.78 -13.94 19.50
N LYS A 93 18.47 -13.61 20.59
CA LYS A 93 19.90 -13.96 20.72
C LYS A 93 20.07 -15.48 20.77
N GLU A 94 19.20 -16.13 21.53
CA GLU A 94 19.20 -17.59 21.64
C GLU A 94 19.03 -18.25 20.28
N ARG A 95 18.14 -17.71 19.46
CA ARG A 95 17.77 -18.36 18.20
C ARG A 95 18.67 -17.98 17.03
N THR A 96 19.19 -16.75 17.03
CA THR A 96 19.90 -16.22 15.85
C THR A 96 21.35 -15.84 16.14
N GLY A 97 21.70 -15.69 17.41
CA GLY A 97 23.01 -15.20 17.77
C GLY A 97 23.15 -13.69 17.82
N ALA A 98 22.05 -12.97 17.60
CA ALA A 98 22.02 -11.50 17.63
C ALA A 98 20.69 -11.01 18.17
N THR A 99 20.65 -9.78 18.67
CA THR A 99 19.43 -9.17 19.17
C THR A 99 18.74 -8.32 18.10
N ASP A 100 19.26 -8.35 16.87
CA ASP A 100 18.73 -7.52 15.78
C ASP A 100 17.23 -7.74 15.60
N LEU A 101 16.48 -6.64 15.49
CA LEU A 101 15.04 -6.67 15.24
C LEU A 101 14.78 -5.95 13.92
N ASP A 102 14.38 -6.68 12.89
CA ASP A 102 14.18 -6.05 11.57
C ASP A 102 12.83 -5.38 11.41
N ILE A 103 11.79 -6.02 11.93
CA ILE A 103 10.40 -5.62 11.71
C ILE A 103 9.67 -5.51 13.05
N LEU A 104 9.05 -4.35 13.27
CA LEU A 104 8.24 -4.06 14.45
C LEU A 104 6.82 -3.75 14.02
N VAL A 105 5.87 -4.53 14.51
CA VAL A 105 4.47 -4.25 14.25
C VAL A 105 3.80 -3.95 15.58
N ASN A 106 3.46 -2.68 15.79
CA ASN A 106 2.65 -2.28 16.94
C ASN A 106 1.18 -2.51 16.62
N ASN A 107 0.71 -3.69 16.98
CA ASN A 107 -0.67 -4.11 16.75
C ASN A 107 -1.52 -4.13 18.02
N ALA A 108 -0.95 -4.50 19.17
CA ALA A 108 -1.71 -4.60 20.40
C ALA A 108 -2.49 -3.30 20.61
N GLY A 109 -3.73 -3.45 21.02
CA GLY A 109 -4.55 -2.29 21.30
C GLY A 109 -5.83 -2.71 21.99
N VAL A 110 -6.46 -1.73 22.63
CA VAL A 110 -7.76 -1.93 23.29
C VAL A 110 -8.82 -1.06 22.61
N MET A 111 -10.05 -1.57 22.58
CA MET A 111 -11.17 -0.90 21.95
C MET A 111 -12.28 -0.76 22.99
N ALA A 112 -13.06 0.29 22.87
CA ALA A 112 -14.20 0.48 23.78
C ALA A 112 -15.24 1.37 23.15
N MET A 113 -16.51 1.11 23.48
CA MET A 113 -17.62 1.92 23.02
C MET A 113 -18.41 2.37 24.25
N GLY A 114 -18.79 3.64 24.26
CA GLY A 114 -19.63 4.17 25.32
C GLY A 114 -19.88 5.65 25.12
N ALA A 115 -20.88 6.17 25.82
CA ALA A 115 -21.23 7.58 25.67
C ALA A 115 -20.07 8.46 26.11
N PRO A 116 -19.82 9.54 25.37
CA PRO A 116 -18.65 10.38 25.72
C PRO A 116 -18.81 11.03 27.11
N GLU A 117 -20.05 11.21 27.55
CA GLU A 117 -20.34 11.80 28.84
C GLU A 117 -19.92 10.90 30.02
N GLU A 118 -19.74 9.61 29.75
CA GLU A 118 -19.44 8.62 30.79
C GLU A 118 -17.98 8.21 30.84
N VAL A 119 -17.16 8.72 29.93
CA VAL A 119 -15.74 8.43 29.96
C VAL A 119 -15.11 8.99 31.24
N THR A 120 -14.39 8.12 31.96
CA THR A 120 -13.65 8.51 33.16
C THR A 120 -12.16 8.79 32.85
N PRO A 121 -11.49 9.55 33.72
CA PRO A 121 -10.02 9.70 33.57
C PRO A 121 -9.27 8.35 33.55
N GLU A 122 -9.75 7.38 34.30
CA GLU A 122 -9.10 6.07 34.32
C GLU A 122 -9.23 5.35 32.97
N MET A 123 -10.41 5.43 32.38
CA MET A 123 -10.64 4.89 31.04
C MET A 123 -9.75 5.58 30.01
N PHE A 124 -9.67 6.90 30.10
CA PHE A 124 -8.82 7.67 29.19
C PHE A 124 -7.34 7.24 29.31
N ASP A 125 -6.84 7.17 30.54
CA ASP A 125 -5.43 6.80 30.77
C ASP A 125 -5.12 5.44 30.20
N ARG A 126 -6.01 4.49 30.42
CA ARG A 126 -5.79 3.11 29.96
C ARG A 126 -5.69 3.05 28.43
N MET A 127 -6.61 3.72 27.77
CA MET A 127 -6.65 3.75 26.30
C MET A 127 -5.38 4.36 25.73
N MET A 128 -5.00 5.51 26.26
CA MET A 128 -3.79 6.19 25.81
C MET A 128 -2.53 5.39 26.15
N ALA A 129 -2.48 4.78 27.34
CA ALA A 129 -1.31 4.02 27.79
C ALA A 129 -1.02 2.84 26.87
N VAL A 130 -2.06 2.10 26.49
CA VAL A 130 -1.87 0.93 25.65
C VAL A 130 -1.73 1.30 24.15
N ASN A 131 -2.54 2.25 23.68
CA ASN A 131 -2.68 2.44 22.22
C ASN A 131 -1.69 3.47 21.62
N ALA A 132 -1.11 4.30 22.46
CA ALA A 132 -0.22 5.38 22.00
C ALA A 132 1.10 5.42 22.75
N LYS A 133 1.03 5.42 24.08
CA LYS A 133 2.24 5.54 24.87
C LYS A 133 3.14 4.30 24.68
N ALA A 134 2.59 3.11 24.87
CA ALA A 134 3.42 1.91 24.75
C ALA A 134 4.02 1.79 23.33
N PRO A 135 3.23 2.04 22.26
CA PRO A 135 3.88 2.06 20.94
C PRO A 135 5.05 3.04 20.80
N PHE A 136 4.92 4.24 21.35
CA PHE A 136 6.03 5.18 21.32
C PHE A 136 7.28 4.62 22.01
N PHE A 137 7.13 4.09 23.21
CA PHE A 137 8.31 3.62 23.95
C PHE A 137 8.87 2.31 23.38
N ILE A 138 8.00 1.54 22.73
CA ILE A 138 8.44 0.33 22.00
C ILE A 138 9.31 0.73 20.79
N VAL A 139 8.85 1.72 20.02
CA VAL A 139 9.65 2.27 18.92
C VAL A 139 10.99 2.80 19.46
N GLN A 140 10.92 3.58 20.53
CA GLN A 140 12.14 4.17 21.10
C GLN A 140 13.17 3.08 21.41
N ARG A 141 12.71 2.03 22.07
CA ARG A 141 13.59 0.94 22.48
C ARG A 141 14.08 0.11 21.28
N ALA A 142 13.22 -0.05 20.28
CA ALA A 142 13.56 -0.82 19.10
C ALA A 142 14.68 -0.19 18.29
N LEU A 143 14.82 1.14 18.35
CA LEU A 143 15.86 1.83 17.56
C LEU A 143 17.25 1.33 17.87
N SER A 144 17.51 0.94 19.11
CA SER A 144 18.85 0.48 19.51
C SER A 144 19.22 -0.89 18.90
N VAL A 145 18.23 -1.64 18.43
CA VAL A 145 18.47 -2.98 17.90
C VAL A 145 17.96 -3.20 16.47
N MET A 146 17.43 -2.14 15.83
CA MET A 146 16.93 -2.26 14.45
C MET A 146 18.00 -1.91 13.43
N PRO A 147 18.35 -2.88 12.58
CA PRO A 147 19.32 -2.54 11.53
C PRO A 147 18.75 -1.64 10.45
N ASP A 148 19.65 -1.01 9.70
CA ASP A 148 19.25 -0.30 8.49
C ASP A 148 18.39 -1.20 7.61
N GLY A 149 17.38 -0.61 6.97
CA GLY A 149 16.46 -1.36 6.14
C GLY A 149 15.32 -1.98 6.91
N GLY A 150 15.21 -1.65 8.20
CA GLY A 150 14.11 -2.11 9.03
C GLY A 150 12.75 -1.52 8.70
N ARG A 151 11.76 -1.94 9.47
CA ARG A 151 10.36 -1.66 9.19
C ARG A 151 9.61 -1.47 10.49
N ILE A 152 8.87 -0.37 10.61
CA ILE A 152 8.00 -0.12 11.73
C ILE A 152 6.61 0.13 11.18
N ILE A 153 5.64 -0.67 11.63
CA ILE A 153 4.27 -0.62 11.11
C ILE A 153 3.33 -0.52 12.32
N ASN A 154 2.58 0.55 12.37
CA ASN A 154 1.63 0.81 13.45
C ASN A 154 0.21 0.61 12.97
N VAL A 155 -0.53 -0.23 13.70
CA VAL A 155 -1.91 -0.52 13.33
C VAL A 155 -2.82 0.52 13.99
N SER A 156 -3.39 1.39 13.15
CA SER A 156 -4.27 2.46 13.56
C SER A 156 -5.71 1.98 13.36
N SER A 157 -6.56 2.85 12.84
CA SER A 157 -7.99 2.58 12.67
C SER A 157 -8.54 3.61 11.72
N GLY A 158 -9.47 3.18 10.89
CA GLY A 158 -10.25 4.12 10.08
C GLY A 158 -11.03 5.16 10.88
N LEU A 159 -11.27 4.86 12.16
CA LEU A 159 -12.02 5.79 13.00
C LEU A 159 -11.28 7.09 13.26
N THR A 160 -10.01 7.22 12.90
CA THR A 160 -9.37 8.52 12.95
C THR A 160 -9.86 9.45 11.83
N ARG A 161 -10.64 8.90 10.90
CA ARG A 161 -11.20 9.67 9.77
C ARG A 161 -12.73 9.59 9.66
N VAL A 162 -13.38 8.89 10.59
CA VAL A 162 -14.85 8.75 10.57
C VAL A 162 -15.34 9.11 11.96
N ALA A 163 -16.16 10.15 12.04
CA ALA A 163 -16.65 10.66 13.31
C ALA A 163 -17.52 9.62 13.97
N SER A 164 -17.15 9.24 15.19
CA SER A 164 -17.72 8.11 15.91
C SER A 164 -17.78 8.47 17.41
N PRO A 165 -18.80 9.23 17.83
CA PRO A 165 -18.79 9.77 19.19
C PRO A 165 -18.62 8.74 20.32
N ASP A 166 -19.12 7.51 20.12
CA ASP A 166 -19.02 6.49 21.17
C ASP A 166 -17.63 5.88 21.25
N GLN A 167 -16.72 6.34 20.38
CA GLN A 167 -15.34 5.87 20.37
C GLN A 167 -14.33 7.02 20.31
N VAL A 168 -14.71 8.18 20.84
CA VAL A 168 -13.81 9.33 20.75
C VAL A 168 -12.47 9.12 21.47
N THR A 169 -12.47 8.50 22.64
CA THR A 169 -11.18 8.31 23.34
C THR A 169 -10.26 7.35 22.57
N TYR A 170 -10.82 6.29 22.02
CA TYR A 170 -10.07 5.41 21.11
C TYR A 170 -9.52 6.20 19.92
N GLY A 171 -10.38 7.00 19.32
CA GLY A 171 -9.97 7.87 18.21
C GLY A 171 -8.79 8.76 18.57
N MET A 172 -8.89 9.41 19.73
CA MET A 172 -7.76 10.24 20.20
C MET A 172 -6.46 9.44 20.31
N SER A 173 -6.55 8.23 20.88
CA SER A 173 -5.38 7.39 21.06
C SER A 173 -4.75 7.00 19.71
N LYS A 174 -5.58 6.70 18.73
CA LYS A 174 -5.11 6.32 17.40
C LYS A 174 -4.58 7.55 16.61
N GLY A 175 -5.15 8.74 16.84
CA GLY A 175 -4.63 9.96 16.29
C GLY A 175 -3.23 10.23 16.79
N ALA A 176 -2.99 9.98 18.07
CA ALA A 176 -1.63 10.07 18.62
C ALA A 176 -0.70 9.04 17.97
N LEU A 177 -1.19 7.82 17.84
CA LEU A 177 -0.39 6.72 17.28
C LEU A 177 0.04 7.10 15.86
N GLU A 178 -0.86 7.70 15.08
CA GLU A 178 -0.52 8.04 13.70
C GLU A 178 0.63 9.03 13.56
N GLN A 179 0.84 9.88 14.57
CA GLN A 179 1.93 10.83 14.52
C GLN A 179 3.29 10.14 14.60
N ILE A 180 3.35 8.95 15.15
CA ILE A 180 4.63 8.24 15.21
C ILE A 180 5.23 8.11 13.80
N ALA A 181 4.42 7.67 12.84
CA ALA A 181 4.92 7.47 11.47
C ALA A 181 5.37 8.77 10.86
N LEU A 182 4.63 9.85 11.08
CA LEU A 182 5.02 11.12 10.49
C LEU A 182 6.43 11.53 10.92
N HIS A 183 6.63 11.62 12.23
CA HIS A 183 7.87 12.21 12.76
C HIS A 183 9.01 11.26 12.69
N PHE A 184 8.79 9.97 12.96
CA PHE A 184 9.90 9.01 12.93
C PHE A 184 10.34 8.67 11.51
N SER A 185 9.43 8.79 10.52
CA SER A 185 9.85 8.54 9.14
C SER A 185 10.99 9.49 8.75
N ARG A 186 10.87 10.75 9.14
CA ARG A 186 11.93 11.72 8.87
C ARG A 186 13.17 11.45 9.72
N HIS A 187 12.98 11.11 10.98
CA HIS A 187 14.11 10.83 11.87
C HIS A 187 14.97 9.69 11.34
N LEU A 188 14.33 8.69 10.73
CA LEU A 188 15.00 7.41 10.38
C LEU A 188 15.33 7.25 8.91
N GLY A 189 15.15 8.31 8.12
CA GLY A 189 15.36 8.22 6.68
C GLY A 189 16.76 7.79 6.30
N SER A 190 17.76 8.28 7.02
CA SER A 190 19.16 7.96 6.70
C SER A 190 19.52 6.51 7.03
N ARG A 191 18.70 5.84 7.84
CA ARG A 191 18.86 4.42 8.16
C ARG A 191 17.99 3.52 7.28
N ARG A 192 17.21 4.14 6.39
CA ARG A 192 16.31 3.44 5.50
C ARG A 192 15.38 2.52 6.28
N ILE A 193 14.94 2.98 7.46
CA ILE A 193 13.87 2.29 8.18
C ILE A 193 12.58 3.01 7.83
N THR A 194 11.61 2.27 7.29
CA THR A 194 10.31 2.90 6.95
C THR A 194 9.40 2.83 8.15
N VAL A 195 8.54 3.84 8.30
CA VAL A 195 7.62 3.93 9.43
C VAL A 195 6.26 4.32 8.87
N ASN A 196 5.27 3.45 9.00
CA ASN A 196 3.97 3.67 8.38
C ASN A 196 2.84 3.29 9.30
N SER A 197 1.66 3.90 9.08
CA SER A 197 0.43 3.52 9.75
C SER A 197 -0.45 2.76 8.77
N VAL A 198 -1.05 1.66 9.24
N VAL A 198 -1.07 1.67 9.23
CA VAL A 198 -2.07 0.93 8.51
CA VAL A 198 -2.06 0.94 8.45
C VAL A 198 -3.40 1.12 9.25
C VAL A 198 -3.40 0.98 9.19
N ALA A 199 -4.46 1.39 8.49
CA ALA A 199 -5.77 1.63 9.06
C ALA A 199 -6.75 0.57 8.58
N PRO A 200 -6.99 -0.46 9.40
CA PRO A 200 -8.03 -1.41 9.04
C PRO A 200 -9.40 -0.80 9.19
N GLY A 201 -10.33 -1.33 8.43
CA GLY A 201 -11.73 -1.11 8.71
C GLY A 201 -12.20 -2.13 9.73
N SER A 202 -13.51 -2.24 9.89
N SER A 202 -13.52 -2.24 9.88
CA SER A 202 -14.06 -3.25 10.78
CA SER A 202 -14.10 -3.26 10.74
C SER A 202 -13.59 -4.63 10.35
C SER A 202 -13.60 -4.65 10.34
N THR A 203 -13.04 -5.38 11.31
CA THR A 203 -12.39 -6.66 11.02
C THR A 203 -12.83 -7.68 12.06
N ASP A 204 -13.29 -8.84 11.59
CA ASP A 204 -13.73 -9.90 12.49
C ASP A 204 -12.53 -10.53 13.19
N ASN A 205 -12.37 -10.20 14.46
CA ASN A 205 -11.24 -10.66 15.25
C ASN A 205 -11.54 -11.93 16.02
N GLY A 206 -12.68 -12.57 15.72
CA GLY A 206 -13.05 -13.81 16.40
C GLY A 206 -13.84 -13.60 17.69
N SER A 207 -14.05 -12.34 18.08
CA SER A 207 -14.79 -12.05 19.31
C SER A 207 -16.28 -12.26 19.10
N ALA A 208 -16.99 -12.44 20.22
CA ALA A 208 -18.43 -12.74 20.16
C ALA A 208 -19.23 -11.60 19.52
N LEU A 209 -18.81 -10.36 19.76
CA LEU A 209 -19.39 -9.17 19.13
C LEU A 209 -19.73 -9.38 17.63
N PHE A 210 -18.80 -9.96 16.89
CA PHE A 210 -18.96 -10.14 15.44
C PHE A 210 -19.87 -11.30 15.00
N GLN A 211 -20.28 -12.12 15.96
CA GLN A 211 -21.23 -13.21 15.67
C GLN A 211 -22.69 -12.80 15.91
N ILE A 212 -22.89 -11.67 16.59
CA ILE A 212 -24.24 -11.10 16.76
C ILE A 212 -24.72 -10.50 15.44
N PRO A 213 -25.73 -11.13 14.79
CA PRO A 213 -26.16 -10.73 13.44
C PRO A 213 -26.41 -9.24 13.22
N GLU A 214 -27.12 -8.60 14.15
CA GLU A 214 -27.45 -7.17 14.01
C GLU A 214 -26.19 -6.29 14.02
N VAL A 215 -25.24 -6.63 14.89
CA VAL A 215 -24.01 -5.86 14.97
C VAL A 215 -23.15 -6.12 13.73
N ARG A 216 -23.06 -7.38 13.33
CA ARG A 216 -22.28 -7.73 12.15
C ARG A 216 -22.84 -7.02 10.90
N GLU A 217 -24.16 -6.97 10.78
CA GLU A 217 -24.82 -6.30 9.65
C GLU A 217 -24.48 -4.82 9.59
N THR A 218 -24.60 -4.14 10.72
CA THR A 218 -24.29 -2.72 10.80
C THR A 218 -22.84 -2.48 10.43
N LEU A 219 -21.93 -3.28 10.98
CA LEU A 219 -20.50 -3.09 10.72
C LEU A 219 -20.12 -3.39 9.27
N SER A 220 -20.78 -4.38 8.67
N SER A 220 -20.79 -4.39 8.67
CA SER A 220 -20.53 -4.76 7.28
CA SER A 220 -20.51 -4.76 7.28
C SER A 220 -20.80 -3.59 6.32
C SER A 220 -20.82 -3.62 6.30
N GLN A 221 -21.81 -2.79 6.64
CA GLN A 221 -22.23 -1.70 5.75
C GLN A 221 -21.26 -0.51 5.73
N LEU A 222 -20.33 -0.47 6.67
CA LEU A 222 -19.31 0.59 6.72
C LEU A 222 -18.36 0.50 5.50
N SER A 223 -18.04 -0.72 5.08
CA SER A 223 -17.20 -0.96 3.90
C SER A 223 -18.02 -0.82 2.60
N THR A 224 -17.41 -0.29 1.55
CA THR A 224 -18.05 -0.20 0.24
C THR A 224 -18.31 -1.60 -0.36
N PHE A 225 -17.66 -2.61 0.20
CA PHE A 225 -17.84 -4.01 -0.21
C PHE A 225 -18.99 -4.71 0.53
N GLY A 226 -19.49 -4.09 1.60
CA GLY A 226 -20.65 -4.65 2.32
C GLY A 226 -20.27 -5.85 3.18
N GLU A 227 -19.01 -5.92 3.58
CA GLU A 227 -18.50 -7.02 4.42
C GLU A 227 -17.56 -6.46 5.47
N VAL A 228 -17.46 -7.12 6.62
N VAL A 228 -17.48 -7.17 6.59
CA VAL A 228 -16.36 -6.84 7.53
CA VAL A 228 -16.42 -7.02 7.58
C VAL A 228 -15.18 -7.69 7.06
C VAL A 228 -15.17 -7.71 7.03
N ALA A 229 -13.98 -7.18 7.30
CA ALA A 229 -12.76 -7.80 6.81
C ALA A 229 -12.44 -9.10 7.53
N GLU A 230 -11.80 -10.02 6.82
CA GLU A 230 -11.11 -11.12 7.48
C GLU A 230 -9.72 -10.62 7.92
N PRO A 231 -9.22 -11.08 9.07
CA PRO A 231 -7.89 -10.62 9.49
C PRO A 231 -6.79 -10.82 8.43
N ALA A 232 -6.89 -11.87 7.63
CA ALA A 232 -5.91 -12.13 6.58
C ALA A 232 -5.81 -10.97 5.58
N ALA A 233 -6.92 -10.27 5.33
CA ALA A 233 -6.92 -9.12 4.39
C ALA A 233 -6.07 -7.98 4.92
N ILE A 234 -6.02 -7.82 6.25
CA ILE A 234 -5.20 -6.81 6.85
C ILE A 234 -3.76 -7.29 6.89
N ALA A 235 -3.57 -8.55 7.28
CA ALA A 235 -2.22 -9.12 7.38
C ALA A 235 -1.49 -9.06 6.06
N ASP A 236 -2.19 -9.31 4.96
CA ASP A 236 -1.55 -9.23 3.64
C ASP A 236 -0.99 -7.83 3.33
N VAL A 237 -1.65 -6.79 3.83
CA VAL A 237 -1.14 -5.42 3.66
C VAL A 237 0.09 -5.19 4.51
N VAL A 238 0.01 -5.61 5.77
CA VAL A 238 1.15 -5.47 6.66
C VAL A 238 2.39 -6.22 6.12
N ALA A 239 2.22 -7.43 5.63
CA ALA A 239 3.34 -8.20 5.09
C ALA A 239 3.98 -7.50 3.89
N PHE A 240 3.16 -6.87 3.04
CA PHE A 240 3.71 -6.05 1.97
C PHE A 240 4.55 -4.91 2.53
N LEU A 241 4.02 -4.16 3.51
CA LEU A 241 4.79 -3.06 4.07
C LEU A 241 6.11 -3.51 4.69
N ALA A 242 6.11 -4.74 5.23
CA ALA A 242 7.31 -5.29 5.89
C ALA A 242 8.36 -5.72 4.89
N SER A 243 8.01 -5.77 3.60
CA SER A 243 8.87 -6.32 2.55
C SER A 243 9.67 -5.26 1.79
N GLU A 244 10.63 -5.72 0.99
N GLU A 244 10.63 -5.76 0.99
CA GLU A 244 11.42 -4.81 0.16
CA GLU A 244 11.42 -4.96 0.08
C GLU A 244 10.55 -4.15 -0.92
C GLU A 244 10.54 -4.17 -0.88
N ASP A 245 9.40 -4.75 -1.24
CA ASP A 245 8.50 -4.15 -2.22
C ASP A 245 7.92 -2.78 -1.77
N ALA A 246 7.91 -2.52 -0.48
CA ALA A 246 7.42 -1.28 0.10
C ALA A 246 8.55 -0.34 0.55
N ARG A 247 9.73 -0.53 -0.01
CA ARG A 247 10.88 0.27 0.40
C ARG A 247 10.71 1.78 0.16
N TRP A 248 9.90 2.17 -0.83
CA TRP A 248 9.66 3.59 -1.09
C TRP A 248 8.41 4.17 -0.47
N ILE A 249 7.83 3.47 0.49
CA ILE A 249 6.69 3.96 1.27
C ILE A 249 7.14 4.21 2.72
N THR A 250 7.14 5.49 3.11
CA THR A 250 7.46 5.85 4.49
C THR A 250 6.67 7.09 4.92
N GLY A 251 6.26 7.11 6.17
CA GLY A 251 5.53 8.24 6.72
C GLY A 251 4.10 8.24 6.25
N ALA A 252 3.61 7.11 5.76
CA ALA A 252 2.31 7.04 5.08
C ALA A 252 1.19 6.52 5.97
N PHE A 253 -0.02 6.91 5.59
CA PHE A 253 -1.26 6.35 6.12
C PHE A 253 -1.79 5.43 5.04
N ILE A 254 -1.83 4.14 5.32
CA ILE A 254 -2.28 3.16 4.35
C ILE A 254 -3.66 2.70 4.74
N ASP A 255 -4.61 2.99 3.87
CA ASP A 255 -6.04 2.67 4.08
C ASP A 255 -6.32 1.23 3.68
N ALA A 256 -6.45 0.35 4.66
CA ALA A 256 -6.80 -1.05 4.44
C ALA A 256 -8.20 -1.30 4.96
N SER A 257 -9.11 -0.39 4.62
CA SER A 257 -10.44 -0.40 5.19
C SER A 257 -11.53 -0.91 4.28
N GLY A 258 -11.20 -1.39 3.08
CA GLY A 258 -12.26 -1.83 2.16
C GLY A 258 -13.22 -0.72 1.80
N GLY A 259 -12.69 0.49 1.65
CA GLY A 259 -13.51 1.62 1.23
C GLY A 259 -14.46 2.14 2.31
N THR A 260 -13.98 2.17 3.54
CA THR A 260 -14.75 2.72 4.65
C THR A 260 -14.59 4.24 4.74
N LEU A 261 -13.55 4.78 4.09
CA LEU A 261 -13.16 6.18 4.25
C LEU A 261 -13.57 7.01 3.03
N LEU A 262 -14.64 6.59 2.35
CA LEU A 262 -15.06 7.30 1.12
C LEU A 262 -16.02 8.46 1.37
N GLY A 263 -16.37 8.70 2.64
N GLY A 263 -16.38 8.70 2.64
CA GLY A 263 -17.32 9.74 3.01
CA GLY A 263 -17.16 9.87 3.01
C GLY A 263 -18.68 9.14 3.33
C GLY A 263 -18.67 9.68 2.98
N HIS B 7 8.81 -21.29 -26.46
CA HIS B 7 8.78 -20.22 -25.43
C HIS B 7 8.36 -20.77 -24.06
N HIS B 8 9.25 -20.66 -23.06
CA HIS B 8 9.01 -21.17 -21.71
C HIS B 8 8.07 -20.28 -20.91
N HIS B 9 7.19 -20.88 -20.10
CA HIS B 9 6.18 -20.12 -19.35
C HIS B 9 6.49 -20.05 -17.87
N ARG B 10 6.82 -18.85 -17.38
CA ARG B 10 7.02 -18.64 -15.93
C ARG B 10 5.68 -18.32 -15.26
N SER B 11 5.36 -19.04 -14.20
CA SER B 11 4.11 -18.82 -13.46
C SER B 11 4.28 -17.85 -12.28
N GLY B 12 3.19 -17.20 -11.88
CA GLY B 12 3.21 -16.27 -10.76
C GLY B 12 1.79 -15.95 -10.27
N ASN B 13 1.69 -15.00 -9.34
CA ASN B 13 0.40 -14.68 -8.70
C ASN B 13 -0.64 -14.13 -9.68
N LEU B 14 -0.19 -13.49 -10.76
CA LEU B 14 -1.12 -12.94 -11.76
C LEU B 14 -1.30 -13.83 -13.01
N THR B 15 -0.86 -15.08 -12.96
CA THR B 15 -1.07 -15.99 -14.09
C THR B 15 -2.56 -16.12 -14.34
N GLY B 16 -2.96 -15.98 -15.61
CA GLY B 16 -4.36 -16.01 -16.01
C GLY B 16 -4.99 -14.64 -16.16
N LYS B 17 -4.33 -13.60 -15.63
CA LYS B 17 -4.84 -12.23 -15.68
C LYS B 17 -4.28 -11.50 -16.90
N THR B 18 -5.00 -10.47 -17.32
CA THR B 18 -4.56 -9.58 -18.37
C THR B 18 -4.42 -8.17 -17.83
N ALA B 19 -3.48 -7.41 -18.39
CA ALA B 19 -3.21 -6.07 -17.90
C ALA B 19 -2.92 -5.13 -19.07
N LEU B 20 -3.42 -3.90 -18.97
CA LEU B 20 -3.02 -2.78 -19.83
C LEU B 20 -2.23 -1.81 -19.00
N VAL B 21 -1.01 -1.48 -19.43
CA VAL B 21 -0.23 -0.42 -18.81
C VAL B 21 -0.03 0.68 -19.85
N THR B 22 -0.67 1.84 -19.65
CA THR B 22 -0.47 2.94 -20.59
C THR B 22 0.91 3.56 -20.34
N GLY B 23 1.57 3.98 -21.42
CA GLY B 23 2.91 4.57 -21.35
C GLY B 23 3.94 3.63 -20.76
N ALA B 24 3.98 2.41 -21.31
CA ALA B 24 4.82 1.31 -20.82
C ALA B 24 6.11 1.14 -21.58
N SER B 25 6.35 2.02 -22.55
CA SER B 25 7.58 1.97 -23.36
C SER B 25 8.86 2.39 -22.63
N ARG B 26 8.72 3.15 -21.52
CA ARG B 26 9.90 3.67 -20.82
C ARG B 26 9.50 4.05 -19.39
N GLY B 27 10.51 4.38 -18.59
CA GLY B 27 10.28 4.97 -17.26
C GLY B 27 9.50 4.09 -16.32
N ILE B 28 8.61 4.71 -15.56
CA ILE B 28 7.82 4.00 -14.56
C ILE B 28 6.92 2.94 -15.23
N GLY B 29 6.30 3.31 -16.34
CA GLY B 29 5.42 2.39 -17.04
C GLY B 29 6.11 1.12 -17.49
N ARG B 30 7.33 1.26 -17.99
CA ARG B 30 8.13 0.12 -18.36
C ARG B 30 8.36 -0.79 -17.18
N ALA B 31 8.76 -0.21 -16.05
CA ALA B 31 8.98 -0.99 -14.84
C ALA B 31 7.71 -1.70 -14.37
N ILE B 32 6.57 -1.02 -14.44
CA ILE B 32 5.28 -1.63 -14.11
C ILE B 32 4.99 -2.85 -15.02
N ALA B 33 5.11 -2.65 -16.33
CA ALA B 33 4.84 -3.75 -17.28
C ALA B 33 5.75 -4.94 -16.99
N GLU B 34 7.04 -4.67 -16.77
CA GLU B 34 7.99 -5.74 -16.49
C GLU B 34 7.59 -6.53 -15.23
N LYS B 35 7.21 -5.83 -14.18
CA LYS B 35 6.82 -6.48 -12.92
C LYS B 35 5.53 -7.27 -13.07
N LEU B 36 4.53 -6.70 -13.72
CA LEU B 36 3.26 -7.41 -13.92
C LEU B 36 3.48 -8.65 -14.80
N GLY B 37 4.34 -8.50 -15.80
CA GLY B 37 4.67 -9.61 -16.70
C GLY B 37 5.37 -10.74 -15.95
N TYR B 38 6.34 -10.38 -15.11
CA TYR B 38 7.05 -11.35 -14.28
C TYR B 38 6.11 -12.13 -13.36
N ALA B 39 5.09 -11.44 -12.85
CA ALA B 39 4.03 -12.04 -12.03
C ALA B 39 3.05 -12.94 -12.79
N GLY B 40 3.13 -12.97 -14.12
CA GLY B 40 2.33 -13.87 -14.95
C GLY B 40 1.20 -13.23 -15.76
N ALA B 41 0.98 -11.92 -15.60
CA ALA B 41 -0.08 -11.28 -16.36
C ALA B 41 0.31 -11.16 -17.82
N LEU B 42 -0.66 -11.33 -18.71
CA LEU B 42 -0.49 -11.00 -20.14
C LEU B 42 -0.57 -9.48 -20.21
N VAL B 43 0.53 -8.82 -20.58
CA VAL B 43 0.64 -7.38 -20.53
C VAL B 43 0.57 -6.73 -21.91
N ALA B 44 -0.37 -5.80 -22.06
CA ALA B 44 -0.45 -4.92 -23.22
C ALA B 44 0.39 -3.70 -22.93
N VAL B 45 1.51 -3.60 -23.64
CA VAL B 45 2.53 -2.55 -23.46
C VAL B 45 2.16 -1.39 -24.40
N HIS B 46 1.57 -0.35 -23.84
CA HIS B 46 1.05 0.75 -24.69
C HIS B 46 2.05 1.86 -24.88
N TYR B 47 1.97 2.51 -26.04
CA TYR B 47 2.86 3.63 -26.35
C TYR B 47 2.15 4.59 -27.32
N ALA B 48 2.71 5.79 -27.49
CA ALA B 48 2.23 6.75 -28.48
C ALA B 48 3.08 6.69 -29.75
N THR B 49 4.40 6.94 -29.59
CA THR B 49 5.35 6.93 -30.73
C THR B 49 6.66 6.15 -30.49
N GLY B 50 6.91 5.70 -29.26
CA GLY B 50 8.12 4.94 -28.95
C GLY B 50 7.95 3.46 -29.19
N ALA B 51 7.70 3.06 -30.43
CA ALA B 51 7.34 1.67 -30.75
C ALA B 51 8.50 0.74 -30.54
N ASP B 52 9.71 1.20 -30.83
CA ASP B 52 10.90 0.38 -30.62
C ASP B 52 11.18 0.08 -29.15
N ALA B 53 11.00 1.10 -28.31
CA ALA B 53 11.12 0.98 -26.86
C ALA B 53 10.04 0.02 -26.36
N ALA B 54 8.79 0.18 -26.82
CA ALA B 54 7.68 -0.71 -26.42
C ALA B 54 7.97 -2.16 -26.81
N ALA B 55 8.49 -2.37 -28.02
CA ALA B 55 8.86 -3.72 -28.46
C ALA B 55 9.94 -4.35 -27.58
N GLU B 56 10.92 -3.55 -27.20
CA GLU B 56 11.96 -4.00 -26.27
C GLU B 56 11.38 -4.47 -24.93
N VAL B 57 10.41 -3.73 -24.42
CA VAL B 57 9.75 -4.09 -23.16
C VAL B 57 8.98 -5.41 -23.33
N ALA B 58 8.17 -5.50 -24.38
CA ALA B 58 7.37 -6.69 -24.60
C ALA B 58 8.29 -7.90 -24.79
N GLU B 59 9.37 -7.71 -25.53
CA GLU B 59 10.29 -8.82 -25.79
C GLU B 59 11.01 -9.24 -24.51
N SER B 60 11.34 -8.26 -23.66
CA SER B 60 11.95 -8.53 -22.35
C SER B 60 11.03 -9.42 -21.51
N ILE B 61 9.76 -9.05 -21.48
CA ILE B 61 8.76 -9.81 -20.74
C ILE B 61 8.67 -11.24 -21.27
N GLU B 62 8.65 -11.39 -22.59
CA GLU B 62 8.58 -12.73 -23.17
C GLU B 62 9.87 -13.53 -22.95
N LYS B 63 11.04 -12.91 -23.03
CA LYS B 63 12.30 -13.67 -22.85
C LYS B 63 12.42 -14.15 -21.42
N ASP B 64 11.75 -13.47 -20.48
CA ASP B 64 11.78 -13.85 -19.08
C ASP B 64 10.64 -14.81 -18.72
N GLY B 65 9.95 -15.35 -19.72
CA GLY B 65 8.95 -16.39 -19.48
C GLY B 65 7.51 -15.90 -19.43
N GLY B 66 7.30 -14.62 -19.73
CA GLY B 66 5.97 -14.05 -19.70
C GLY B 66 5.33 -13.91 -21.06
N ARG B 67 4.25 -13.14 -21.11
CA ARG B 67 3.51 -12.89 -22.32
C ARG B 67 3.15 -11.41 -22.39
N ALA B 68 3.35 -10.82 -23.57
CA ALA B 68 3.14 -9.40 -23.75
C ALA B 68 3.04 -9.06 -25.24
N PHE B 69 2.37 -7.94 -25.53
CA PHE B 69 2.33 -7.38 -26.87
C PHE B 69 2.18 -5.86 -26.79
N THR B 70 2.51 -5.16 -27.88
CA THR B 70 2.44 -3.70 -27.88
C THR B 70 1.14 -3.18 -28.50
N VAL B 71 0.71 -2.02 -28.03
CA VAL B 71 -0.45 -1.32 -28.54
C VAL B 71 -0.14 0.17 -28.70
N LYS B 72 -0.28 0.67 -29.93
CA LYS B 72 -0.11 2.09 -30.24
C LYS B 72 -1.39 2.90 -30.06
N ALA B 73 -1.32 3.98 -29.29
CA ALA B 73 -2.39 4.97 -29.29
C ALA B 73 -1.92 6.31 -28.74
N GLU B 74 -1.94 7.35 -29.56
CA GLU B 74 -1.71 8.71 -29.05
C GLU B 74 -2.93 9.11 -28.25
N LEU B 75 -2.72 9.48 -26.98
CA LEU B 75 -3.80 9.88 -26.08
C LEU B 75 -3.91 11.40 -26.07
N GLY B 76 -5.12 11.90 -25.83
CA GLY B 76 -5.39 13.34 -25.76
C GLY B 76 -5.88 13.93 -27.06
N VAL B 77 -6.28 13.08 -28.00
CA VAL B 77 -6.79 13.51 -29.31
C VAL B 77 -8.09 12.75 -29.60
N PRO B 78 -8.95 13.28 -30.50
CA PRO B 78 -10.20 12.56 -30.82
C PRO B 78 -9.96 11.14 -31.32
N GLY B 79 -10.74 10.19 -30.83
CA GLY B 79 -10.64 8.79 -31.25
C GLY B 79 -9.61 7.99 -30.49
N ASP B 80 -8.93 8.63 -29.54
CA ASP B 80 -7.82 7.98 -28.82
C ASP B 80 -8.25 6.67 -28.13
N VAL B 81 -9.32 6.72 -27.36
CA VAL B 81 -9.74 5.55 -26.59
C VAL B 81 -10.17 4.41 -27.55
N ASP B 82 -10.84 4.75 -28.66
CA ASP B 82 -11.22 3.76 -29.65
C ASP B 82 -10.00 3.08 -30.26
N VAL B 83 -8.98 3.86 -30.59
CA VAL B 83 -7.77 3.33 -31.17
C VAL B 83 -7.09 2.40 -30.16
N LEU B 84 -6.98 2.86 -28.93
CA LEU B 84 -6.39 2.06 -27.85
C LEU B 84 -7.11 0.73 -27.66
N PHE B 85 -8.43 0.77 -27.54
CA PHE B 85 -9.17 -0.46 -27.25
C PHE B 85 -9.33 -1.41 -28.45
N GLU B 86 -9.30 -0.86 -29.66
CA GLU B 86 -9.26 -1.73 -30.86
C GLU B 86 -8.01 -2.60 -30.80
N GLY B 87 -6.86 -1.98 -30.54
CA GLY B 87 -5.60 -2.72 -30.48
C GLY B 87 -5.53 -3.66 -29.30
N LEU B 88 -5.95 -3.19 -28.13
CA LEU B 88 -5.95 -4.02 -26.94
C LEU B 88 -6.81 -5.27 -27.12
N GLU B 89 -8.05 -5.06 -27.52
CA GLU B 89 -9.02 -6.16 -27.60
C GLU B 89 -8.68 -7.15 -28.70
N ARG B 90 -8.17 -6.68 -29.83
N ARG B 90 -8.15 -6.68 -29.83
CA ARG B 90 -7.65 -7.57 -30.86
CA ARG B 90 -7.68 -7.60 -30.86
C ARG B 90 -6.56 -8.49 -30.29
C ARG B 90 -6.53 -8.48 -30.34
N GLY B 91 -5.59 -7.88 -29.60
CA GLY B 91 -4.48 -8.63 -29.03
C GLY B 91 -4.90 -9.62 -27.95
N LEU B 92 -5.80 -9.18 -27.07
CA LEU B 92 -6.30 -10.07 -26.01
C LEU B 92 -7.08 -11.24 -26.59
N LYS B 93 -7.90 -10.95 -27.60
CA LYS B 93 -8.73 -12.00 -28.24
C LYS B 93 -7.86 -13.02 -28.95
N GLU B 94 -6.86 -12.54 -29.70
CA GLU B 94 -5.90 -13.41 -30.38
C GLU B 94 -5.19 -14.36 -29.41
N ARG B 95 -4.87 -13.87 -28.22
CA ARG B 95 -4.04 -14.61 -27.28
C ARG B 95 -4.80 -15.40 -26.22
N THR B 96 -6.03 -14.99 -25.91
CA THR B 96 -6.81 -15.64 -24.86
C THR B 96 -8.20 -16.13 -25.29
N GLY B 97 -8.66 -15.70 -26.46
CA GLY B 97 -10.01 -15.98 -26.91
C GLY B 97 -11.08 -15.08 -26.35
N ALA B 98 -10.70 -14.12 -25.49
CA ALA B 98 -11.67 -13.21 -24.87
C ALA B 98 -11.09 -11.80 -24.79
N THR B 99 -11.98 -10.83 -24.57
CA THR B 99 -11.57 -9.42 -24.48
C THR B 99 -11.44 -8.95 -23.03
N ASP B 100 -11.54 -9.88 -22.08
CA ASP B 100 -11.49 -9.50 -20.65
C ASP B 100 -10.19 -8.78 -20.27
N LEU B 101 -10.33 -7.68 -19.52
CA LEU B 101 -9.19 -6.91 -19.01
C LEU B 101 -9.27 -6.87 -17.48
N ASP B 102 -8.35 -7.55 -16.81
CA ASP B 102 -8.38 -7.63 -15.34
C ASP B 102 -7.77 -6.41 -14.65
N ILE B 103 -6.68 -5.89 -15.22
CA ILE B 103 -5.87 -4.84 -14.57
C ILE B 103 -5.67 -3.68 -15.52
N LEU B 104 -5.96 -2.47 -15.07
CA LEU B 104 -5.77 -1.22 -15.83
C LEU B 104 -4.84 -0.31 -15.05
N VAL B 105 -3.69 0.04 -15.64
CA VAL B 105 -2.80 1.04 -15.04
C VAL B 105 -2.73 2.27 -15.93
N ASN B 106 -3.31 3.36 -15.46
CA ASN B 106 -3.22 4.65 -16.13
C ASN B 106 -1.92 5.32 -15.71
N ASN B 107 -0.86 5.06 -16.46
CA ASN B 107 0.45 5.59 -16.17
C ASN B 107 0.90 6.67 -17.12
N ALA B 108 0.51 6.60 -18.40
CA ALA B 108 0.93 7.58 -19.39
C ALA B 108 0.59 8.97 -18.88
N GLY B 109 1.55 9.87 -19.01
CA GLY B 109 1.34 11.27 -18.63
C GLY B 109 2.45 12.15 -19.16
N VAL B 110 2.15 13.45 -19.19
CA VAL B 110 3.13 14.45 -19.58
C VAL B 110 3.45 15.36 -18.40
N MET B 111 4.69 15.86 -18.39
CA MET B 111 5.22 16.73 -17.35
C MET B 111 5.75 18.00 -18.00
N ALA B 112 5.77 19.08 -17.23
CA ALA B 112 6.21 20.39 -17.73
C ALA B 112 6.59 21.29 -16.57
N MET B 113 7.61 22.12 -16.80
CA MET B 113 8.08 23.08 -15.81
C MET B 113 8.13 24.43 -16.52
N GLY B 114 7.54 25.45 -15.91
CA GLY B 114 7.54 26.80 -16.50
C GLY B 114 6.83 27.78 -15.62
N ALA B 115 7.12 29.07 -15.80
CA ALA B 115 6.50 30.11 -14.98
C ALA B 115 4.97 30.05 -15.15
N PRO B 116 4.22 30.20 -14.05
CA PRO B 116 2.76 30.13 -14.17
C PRO B 116 2.21 31.23 -15.07
N GLU B 117 2.91 32.37 -15.11
CA GLU B 117 2.53 33.49 -15.94
C GLU B 117 2.61 33.18 -17.43
N GLU B 118 3.36 32.14 -17.81
CA GLU B 118 3.62 31.81 -19.21
C GLU B 118 2.75 30.68 -19.73
N VAL B 119 2.01 30.02 -18.85
CA VAL B 119 1.12 28.94 -19.30
C VAL B 119 0.07 29.49 -20.28
N THR B 120 -0.09 28.80 -21.42
CA THR B 120 -1.07 29.17 -22.41
C THR B 120 -2.27 28.23 -22.32
N PRO B 121 -3.42 28.65 -22.86
CA PRO B 121 -4.58 27.76 -22.90
C PRO B 121 -4.30 26.45 -23.62
N GLU B 122 -3.47 26.46 -24.65
CA GLU B 122 -3.13 25.25 -25.38
C GLU B 122 -2.34 24.28 -24.50
N MET B 123 -1.43 24.84 -23.69
CA MET B 123 -0.63 24.04 -22.75
C MET B 123 -1.50 23.40 -21.68
N PHE B 124 -2.45 24.17 -21.15
CA PHE B 124 -3.41 23.67 -20.17
C PHE B 124 -4.24 22.51 -20.76
N ASP B 125 -4.75 22.71 -21.98
CA ASP B 125 -5.62 21.71 -22.59
C ASP B 125 -4.88 20.40 -22.77
N ARG B 126 -3.62 20.48 -23.20
CA ARG B 126 -2.82 19.28 -23.49
C ARG B 126 -2.54 18.50 -22.20
N MET B 127 -2.17 19.21 -21.14
CA MET B 127 -1.90 18.59 -19.86
C MET B 127 -3.16 17.88 -19.35
N MET B 128 -4.28 18.58 -19.40
CA MET B 128 -5.53 18.03 -18.92
C MET B 128 -6.01 16.88 -19.80
N ALA B 129 -5.88 17.01 -21.12
CA ALA B 129 -6.31 15.97 -22.07
C ALA B 129 -5.56 14.65 -21.84
N VAL B 130 -4.26 14.72 -21.63
CA VAL B 130 -3.45 13.49 -21.45
C VAL B 130 -3.54 12.93 -20.04
N ASN B 131 -3.46 13.81 -19.04
CA ASN B 131 -3.25 13.37 -17.67
C ASN B 131 -4.52 13.08 -16.89
N ALA B 132 -5.65 13.62 -17.33
CA ALA B 132 -6.91 13.51 -16.59
C ALA B 132 -8.05 13.01 -17.45
N LYS B 133 -8.25 13.64 -18.61
CA LYS B 133 -9.38 13.28 -19.49
C LYS B 133 -9.22 11.87 -20.03
N ALA B 134 -8.07 11.57 -20.61
CA ALA B 134 -7.86 10.25 -21.18
C ALA B 134 -8.01 9.17 -20.10
N PRO B 135 -7.40 9.35 -18.91
CA PRO B 135 -7.62 8.29 -17.90
C PRO B 135 -9.11 8.09 -17.56
N PHE B 136 -9.89 9.16 -17.47
CA PHE B 136 -11.33 9.02 -17.23
C PHE B 136 -11.98 8.16 -18.30
N PHE B 137 -11.72 8.48 -19.57
CA PHE B 137 -12.40 7.77 -20.66
C PHE B 137 -11.89 6.36 -20.86
N ILE B 138 -10.64 6.12 -20.47
CA ILE B 138 -10.06 4.76 -20.49
C ILE B 138 -10.76 3.90 -19.42
N VAL B 139 -10.96 4.46 -18.23
CA VAL B 139 -11.68 3.78 -17.17
C VAL B 139 -13.10 3.50 -17.64
N GLN B 140 -13.75 4.49 -18.20
CA GLN B 140 -15.14 4.32 -18.65
C GLN B 140 -15.26 3.15 -19.64
N ARG B 141 -14.35 3.10 -20.60
N ARG B 141 -14.35 3.10 -20.60
CA ARG B 141 -14.33 2.06 -21.63
CA ARG B 141 -14.36 2.05 -21.63
C ARG B 141 -13.93 0.70 -21.07
C ARG B 141 -13.95 0.69 -21.06
N ALA B 142 -12.99 0.69 -20.12
CA ALA B 142 -12.54 -0.56 -19.50
C ALA B 142 -13.62 -1.29 -18.72
N LEU B 143 -14.56 -0.54 -18.16
CA LEU B 143 -15.63 -1.13 -17.32
C LEU B 143 -16.48 -2.14 -18.07
N SER B 144 -16.65 -1.95 -19.37
CA SER B 144 -17.41 -2.88 -20.20
C SER B 144 -16.71 -4.24 -20.39
N VAL B 145 -15.40 -4.32 -20.10
CA VAL B 145 -14.65 -5.55 -20.27
C VAL B 145 -13.89 -6.03 -19.03
N MET B 146 -14.08 -5.35 -17.89
CA MET B 146 -13.34 -5.73 -16.68
C MET B 146 -14.18 -6.63 -15.79
N PRO B 147 -13.70 -7.87 -15.55
CA PRO B 147 -14.45 -8.77 -14.68
C PRO B 147 -14.47 -8.31 -13.25
N ASP B 148 -15.44 -8.81 -12.49
CA ASP B 148 -15.45 -8.56 -11.05
C ASP B 148 -14.11 -9.02 -10.48
N GLY B 149 -13.62 -8.33 -9.46
CA GLY B 149 -12.30 -8.62 -8.90
C GLY B 149 -11.15 -7.90 -9.58
N GLY B 150 -11.46 -7.04 -10.56
CA GLY B 150 -10.43 -6.29 -11.25
C GLY B 150 -9.73 -5.20 -10.45
N ARG B 151 -8.81 -4.53 -11.13
CA ARG B 151 -7.93 -3.53 -10.53
C ARG B 151 -7.76 -2.35 -11.46
N ILE B 152 -7.92 -1.15 -10.91
CA ILE B 152 -7.61 0.10 -11.62
C ILE B 152 -6.65 0.91 -10.76
N ILE B 153 -5.49 1.22 -11.32
CA ILE B 153 -4.45 1.95 -10.60
C ILE B 153 -4.07 3.16 -11.44
N ASN B 154 -4.22 4.35 -10.85
CA ASN B 154 -3.89 5.60 -11.51
C ASN B 154 -2.64 6.19 -10.92
N VAL B 155 -1.66 6.49 -11.78
CA VAL B 155 -0.37 7.03 -11.36
C VAL B 155 -0.46 8.55 -11.29
N SER B 156 -0.46 9.06 -10.08
CA SER B 156 -0.60 10.49 -9.83
C SER B 156 0.79 11.06 -9.63
N SER B 157 0.95 11.88 -8.59
CA SER B 157 2.21 12.57 -8.28
C SER B 157 2.14 13.13 -6.88
N GLY B 158 3.25 13.10 -6.17
CA GLY B 158 3.35 13.79 -4.88
C GLY B 158 3.15 15.30 -4.99
N LEU B 159 3.27 15.85 -6.20
CA LEU B 159 3.13 17.28 -6.37
C LEU B 159 1.71 17.75 -6.11
N THR B 160 0.74 16.84 -6.02
CA THR B 160 -0.60 17.26 -5.55
C THR B 160 -0.62 17.64 -4.06
N ARG B 161 0.48 17.37 -3.34
CA ARG B 161 0.60 17.70 -1.91
C ARG B 161 1.80 18.60 -1.59
N VAL B 162 2.53 19.04 -2.59
CA VAL B 162 3.71 19.89 -2.38
C VAL B 162 3.64 21.09 -3.33
N ALA B 163 3.53 22.29 -2.77
CA ALA B 163 3.34 23.50 -3.58
C ALA B 163 4.56 23.67 -4.47
N SER B 164 4.31 23.72 -5.78
CA SER B 164 5.34 23.76 -6.79
C SER B 164 4.86 24.69 -7.93
N PRO B 165 5.04 26.00 -7.77
CA PRO B 165 4.48 26.99 -8.70
C PRO B 165 4.80 26.72 -10.18
N ASP B 166 5.98 26.19 -10.46
CA ASP B 166 6.38 26.00 -11.85
C ASP B 166 5.72 24.77 -12.48
N GLN B 167 4.92 24.03 -11.69
CA GLN B 167 4.22 22.87 -12.18
C GLN B 167 2.73 22.90 -11.82
N VAL B 168 2.16 24.10 -11.69
CA VAL B 168 0.75 24.19 -11.24
C VAL B 168 -0.24 23.48 -12.18
N THR B 169 -0.03 23.62 -13.49
N THR B 169 -0.09 23.61 -13.50
CA THR B 169 -0.91 23.02 -14.48
CA THR B 169 -1.07 22.97 -14.39
C THR B 169 -0.90 21.50 -14.32
C THR B 169 -0.94 21.45 -14.34
N TYR B 170 0.28 20.94 -14.20
CA TYR B 170 0.48 19.51 -13.97
C TYR B 170 -0.22 19.06 -12.68
N GLY B 171 -0.02 19.83 -11.62
CA GLY B 171 -0.66 19.58 -10.33
C GLY B 171 -2.17 19.56 -10.46
N MET B 172 -2.73 20.54 -11.17
CA MET B 172 -4.18 20.56 -11.43
C MET B 172 -4.63 19.28 -12.13
N SER B 173 -3.89 18.84 -13.13
CA SER B 173 -4.29 17.66 -13.90
C SER B 173 -4.25 16.40 -13.02
N LYS B 174 -3.24 16.30 -12.15
CA LYS B 174 -3.15 15.15 -11.24
C LYS B 174 -4.18 15.20 -10.11
N GLY B 175 -4.53 16.40 -9.66
CA GLY B 175 -5.63 16.58 -8.74
C GLY B 175 -6.94 16.05 -9.29
N ALA B 176 -7.17 16.30 -10.58
CA ALA B 176 -8.36 15.77 -11.24
C ALA B 176 -8.25 14.23 -11.31
N LEU B 177 -7.08 13.74 -11.69
CA LEU B 177 -6.83 12.30 -11.78
C LEU B 177 -7.16 11.57 -10.48
N GLU B 178 -6.74 12.16 -9.36
CA GLU B 178 -6.96 11.51 -8.06
C GLU B 178 -8.42 11.36 -7.71
N GLN B 179 -9.26 12.22 -8.25
CA GLN B 179 -10.70 12.09 -8.00
C GLN B 179 -11.30 10.82 -8.63
N ILE B 180 -10.64 10.25 -9.61
CA ILE B 180 -11.17 9.04 -10.25
C ILE B 180 -11.29 7.90 -9.22
N ALA B 181 -10.23 7.69 -8.44
CA ALA B 181 -10.23 6.63 -7.43
C ALA B 181 -11.31 6.86 -6.38
N LEU B 182 -11.47 8.10 -5.93
CA LEU B 182 -12.44 8.39 -4.89
C LEU B 182 -13.84 7.98 -5.34
N HIS B 183 -14.27 8.47 -6.50
CA HIS B 183 -15.68 8.30 -6.90
C HIS B 183 -15.93 6.94 -7.47
N PHE B 184 -15.00 6.41 -8.25
CA PHE B 184 -15.21 5.08 -8.85
C PHE B 184 -15.06 3.93 -7.85
N SER B 185 -14.28 4.10 -6.80
CA SER B 185 -14.18 3.05 -5.77
C SER B 185 -15.56 2.73 -5.21
N ARG B 186 -16.36 3.77 -4.94
CA ARG B 186 -17.70 3.56 -4.45
C ARG B 186 -18.62 2.95 -5.51
N HIS B 187 -18.52 3.47 -6.73
CA HIS B 187 -19.31 3.01 -7.85
C HIS B 187 -19.13 1.52 -8.09
N LEU B 188 -17.90 1.06 -7.91
CA LEU B 188 -17.50 -0.32 -8.30
C LEU B 188 -17.36 -1.29 -7.14
N GLY B 189 -17.75 -0.87 -5.93
CA GLY B 189 -17.60 -1.71 -4.73
C GLY B 189 -18.27 -3.06 -4.87
N SER B 190 -19.50 -3.05 -5.40
N SER B 190 -19.51 -3.07 -5.36
CA SER B 190 -20.28 -4.28 -5.56
CA SER B 190 -20.21 -4.35 -5.49
C SER B 190 -19.67 -5.26 -6.56
C SER B 190 -19.55 -5.29 -6.48
N ARG B 191 -18.85 -4.75 -7.47
CA ARG B 191 -18.12 -5.57 -8.44
C ARG B 191 -16.72 -5.95 -7.94
N ARG B 192 -16.35 -5.46 -6.76
N ARG B 192 -16.37 -5.48 -6.75
CA ARG B 192 -15.05 -5.76 -6.15
CA ARG B 192 -15.06 -5.73 -6.13
C ARG B 192 -13.89 -5.38 -7.06
C ARG B 192 -13.90 -5.39 -7.07
N ILE B 193 -14.04 -4.29 -7.80
CA ILE B 193 -12.95 -3.73 -8.57
C ILE B 193 -12.37 -2.65 -7.67
N THR B 194 -11.10 -2.76 -7.30
CA THR B 194 -10.49 -1.70 -6.48
C THR B 194 -9.97 -0.60 -7.39
N VAL B 195 -10.02 0.64 -6.93
CA VAL B 195 -9.57 1.79 -7.70
C VAL B 195 -8.74 2.66 -6.77
N ASN B 196 -7.45 2.82 -7.10
CA ASN B 196 -6.50 3.50 -6.24
C ASN B 196 -5.60 4.44 -7.01
N SER B 197 -5.11 5.45 -6.32
CA SER B 197 -4.06 6.33 -6.85
C SER B 197 -2.75 5.99 -6.18
N VAL B 198 -1.67 5.98 -6.96
CA VAL B 198 -0.31 5.85 -6.43
C VAL B 198 0.45 7.11 -6.76
N ALA B 199 1.13 7.68 -5.77
CA ALA B 199 1.85 8.93 -5.95
C ALA B 199 3.34 8.69 -5.84
N PRO B 200 4.03 8.57 -6.98
CA PRO B 200 5.49 8.47 -6.96
C PRO B 200 6.09 9.81 -6.54
N GLY B 201 7.28 9.75 -5.93
CA GLY B 201 8.13 10.92 -5.74
C GLY B 201 8.96 11.06 -6.98
N SER B 202 9.94 11.96 -6.95
N SER B 202 9.94 11.95 -6.95
CA SER B 202 10.81 12.13 -8.11
CA SER B 202 10.84 12.11 -8.09
C SER B 202 11.50 10.81 -8.44
C SER B 202 11.47 10.77 -8.43
N THR B 203 11.45 10.42 -9.72
CA THR B 203 11.88 9.10 -10.17
C THR B 203 12.74 9.27 -11.41
N ASP B 204 13.91 8.64 -11.41
CA ASP B 204 14.79 8.67 -12.58
C ASP B 204 14.17 7.85 -13.71
N ASN B 205 13.59 8.55 -14.68
CA ASN B 205 12.95 7.91 -15.84
C ASN B 205 13.88 7.82 -17.04
N GLY B 206 15.15 8.20 -16.85
CA GLY B 206 16.12 8.21 -17.96
C GLY B 206 15.91 9.30 -18.99
N SER B 207 15.09 10.30 -18.67
CA SER B 207 14.79 11.37 -19.63
C SER B 207 15.92 12.37 -19.72
N ALA B 208 15.83 13.25 -20.72
CA ALA B 208 16.80 14.33 -20.90
C ALA B 208 16.80 15.31 -19.73
N LEU B 209 15.61 15.58 -19.17
CA LEU B 209 15.47 16.52 -18.04
C LEU B 209 16.21 16.06 -16.78
N PHE B 210 16.33 14.75 -16.58
CA PHE B 210 17.11 14.19 -15.47
C PHE B 210 18.63 14.29 -15.69
N GLN B 211 19.03 14.48 -16.95
CA GLN B 211 20.44 14.73 -17.27
C GLN B 211 20.89 16.15 -16.86
N ILE B 212 19.94 17.08 -16.70
CA ILE B 212 20.27 18.47 -16.32
C ILE B 212 20.67 18.58 -14.83
N PRO B 213 21.93 18.99 -14.55
CA PRO B 213 22.48 19.09 -13.19
C PRO B 213 21.69 19.94 -12.20
N GLU B 214 21.19 21.10 -12.64
CA GLU B 214 20.49 22.06 -11.77
C GLU B 214 19.22 21.46 -11.15
N VAL B 215 18.36 20.89 -11.98
CA VAL B 215 17.12 20.24 -11.52
C VAL B 215 17.42 18.92 -10.77
N ARG B 216 18.30 18.09 -11.33
CA ARG B 216 18.64 16.79 -10.74
C ARG B 216 19.14 16.89 -9.30
N GLU B 217 19.85 17.97 -9.00
CA GLU B 217 20.39 18.22 -7.65
C GLU B 217 19.28 18.46 -6.64
N THR B 218 18.28 19.26 -7.02
CA THR B 218 17.18 19.59 -6.11
C THR B 218 16.20 18.43 -5.95
N LEU B 219 16.03 17.63 -7.01
CA LEU B 219 15.09 16.49 -6.99
C LEU B 219 15.52 15.42 -5.97
N SER B 220 16.82 15.13 -5.91
CA SER B 220 17.32 14.11 -4.98
C SER B 220 16.99 14.43 -3.51
N GLN B 221 16.89 15.71 -3.15
CA GLN B 221 16.66 16.12 -1.75
C GLN B 221 15.18 16.16 -1.35
N LEU B 222 14.27 15.94 -2.30
CA LEU B 222 12.83 15.93 -2.00
C LEU B 222 12.42 14.76 -1.10
N SER B 223 12.96 13.57 -1.38
CA SER B 223 12.75 12.39 -0.53
C SER B 223 13.56 12.44 0.79
N THR B 224 12.97 11.92 1.87
CA THR B 224 13.65 11.81 3.14
C THR B 224 14.88 10.88 3.05
N PHE B 225 14.93 10.07 1.99
CA PHE B 225 16.05 9.17 1.76
C PHE B 225 17.20 9.84 1.01
N GLY B 226 16.97 11.03 0.44
CA GLY B 226 18.06 11.80 -0.19
C GLY B 226 18.47 11.23 -1.54
N GLU B 227 17.55 10.51 -2.18
CA GLU B 227 17.74 9.93 -3.50
C GLU B 227 16.46 10.13 -4.28
N VAL B 228 16.57 10.15 -5.62
CA VAL B 228 15.39 9.93 -6.46
C VAL B 228 15.12 8.43 -6.54
N ALA B 229 13.89 8.07 -6.85
CA ALA B 229 13.48 6.68 -6.93
C ALA B 229 13.96 6.02 -8.21
N GLU B 230 14.23 4.73 -8.12
CA GLU B 230 14.35 3.92 -9.31
C GLU B 230 12.94 3.53 -9.71
N PRO B 231 12.65 3.47 -11.01
CA PRO B 231 11.32 3.04 -11.45
C PRO B 231 10.82 1.72 -10.82
N ALA B 232 11.72 0.78 -10.57
CA ALA B 232 11.34 -0.49 -9.97
C ALA B 232 10.71 -0.33 -8.58
N ALA B 233 11.13 0.68 -7.82
CA ALA B 233 10.55 0.95 -6.48
C ALA B 233 9.09 1.37 -6.55
N ILE B 234 8.73 2.07 -7.62
CA ILE B 234 7.35 2.46 -7.84
C ILE B 234 6.56 1.25 -8.37
N ALA B 235 7.16 0.52 -9.32
CA ALA B 235 6.50 -0.66 -9.90
C ALA B 235 6.12 -1.72 -8.88
N ASP B 236 6.96 -1.90 -7.86
CA ASP B 236 6.73 -2.93 -6.83
C ASP B 236 5.46 -2.58 -6.03
N VAL B 237 5.21 -1.28 -5.84
CA VAL B 237 3.97 -0.83 -5.18
C VAL B 237 2.73 -1.08 -6.05
N VAL B 238 2.85 -0.76 -7.35
CA VAL B 238 1.75 -0.98 -8.30
C VAL B 238 1.40 -2.47 -8.41
N ALA B 239 2.43 -3.31 -8.48
CA ALA B 239 2.23 -4.74 -8.55
C ALA B 239 1.54 -5.29 -7.31
N PHE B 240 1.86 -4.73 -6.15
CA PHE B 240 1.13 -5.11 -4.94
C PHE B 240 -0.34 -4.72 -5.08
N LEU B 241 -0.62 -3.48 -5.51
CA LEU B 241 -2.01 -3.06 -5.61
C LEU B 241 -2.80 -3.90 -6.59
N ALA B 242 -2.13 -4.39 -7.64
CA ALA B 242 -2.76 -5.24 -8.65
C ALA B 242 -3.05 -6.67 -8.19
N SER B 243 -2.53 -7.05 -7.04
CA SER B 243 -2.62 -8.41 -6.52
C SER B 243 -3.78 -8.63 -5.55
N GLU B 244 -4.00 -9.90 -5.23
CA GLU B 244 -4.99 -10.32 -4.25
C GLU B 244 -4.67 -9.72 -2.86
N ASP B 245 -3.39 -9.50 -2.59
CA ASP B 245 -2.97 -9.02 -1.27
C ASP B 245 -3.48 -7.62 -0.95
N ALA B 246 -3.87 -6.86 -1.99
CA ALA B 246 -4.39 -5.51 -1.83
C ALA B 246 -5.91 -5.42 -2.02
N ARG B 247 -6.58 -6.55 -1.81
CA ARG B 247 -8.03 -6.63 -2.02
C ARG B 247 -8.84 -5.71 -1.10
N TRP B 248 -8.30 -5.37 0.07
CA TRP B 248 -8.99 -4.49 1.01
C TRP B 248 -8.57 -3.05 0.92
N ILE B 249 -7.89 -2.68 -0.16
CA ILE B 249 -7.45 -1.29 -0.39
C ILE B 249 -8.22 -0.78 -1.58
N THR B 250 -9.11 0.18 -1.36
CA THR B 250 -9.77 0.84 -2.48
C THR B 250 -10.08 2.29 -2.15
N GLY B 251 -10.10 3.11 -3.17
CA GLY B 251 -10.33 4.54 -2.99
C GLY B 251 -9.21 5.27 -2.29
N ALA B 252 -8.02 4.68 -2.32
CA ALA B 252 -6.89 5.15 -1.53
C ALA B 252 -5.91 5.99 -2.31
N PHE B 253 -5.21 6.86 -1.58
CA PHE B 253 -4.02 7.56 -2.06
C PHE B 253 -2.86 6.84 -1.42
N ILE B 254 -2.04 6.16 -2.23
CA ILE B 254 -0.87 5.43 -1.77
C ILE B 254 0.41 6.22 -2.06
N ASP B 255 1.07 6.65 -0.99
CA ASP B 255 2.26 7.49 -1.05
C ASP B 255 3.46 6.61 -1.30
N ALA B 256 3.95 6.61 -2.54
CA ALA B 256 5.18 5.90 -2.93
C ALA B 256 6.28 6.90 -3.22
N SER B 257 6.40 7.91 -2.37
CA SER B 257 7.31 9.03 -2.61
C SER B 257 8.61 9.00 -1.82
N GLY B 258 8.88 7.92 -1.08
CA GLY B 258 10.06 7.90 -0.29
C GLY B 258 10.15 9.03 0.72
N GLY B 259 9.02 9.38 1.30
CA GLY B 259 9.00 10.40 2.33
C GLY B 259 9.18 11.81 1.80
N THR B 260 8.57 12.07 0.65
CA THR B 260 8.52 13.39 0.09
C THR B 260 7.42 14.27 0.66
N LEU B 261 6.42 13.66 1.29
CA LEU B 261 5.23 14.37 1.73
C LEU B 261 5.23 14.59 3.24
N LEU B 262 6.42 14.78 3.81
CA LEU B 262 6.56 14.92 5.27
C LEU B 262 6.50 16.38 5.76
N GLY B 263 6.33 17.30 4.81
N GLY B 263 6.28 17.31 4.82
CA GLY B 263 6.34 18.74 5.09
CA GLY B 263 6.04 18.71 5.18
C GLY B 263 7.72 19.33 4.84
C GLY B 263 7.30 19.50 5.45
PA NAP C . -8.10 -8.30 19.70
O1A NAP C . -8.73 -9.39 18.93
O2A NAP C . -8.84 -7.65 20.89
O5B NAP C . -6.58 -8.65 20.18
C5B NAP C . -5.91 -7.77 21.06
C4B NAP C . -4.44 -8.22 21.09
O4B NAP C . -3.67 -7.21 21.75
C3B NAP C . -4.33 -9.50 21.93
O3B NAP C . -3.27 -10.31 21.43
C2B NAP C . -4.04 -8.96 23.32
O2B NAP C . -3.27 -9.85 24.11
C1B NAP C . -3.19 -7.69 23.01
N9A NAP C . -3.36 -6.68 24.06
C8A NAP C . -4.45 -5.97 24.40
N7A NAP C . -4.13 -5.19 25.44
C5A NAP C . -2.85 -5.41 25.78
C6A NAP C . -2.02 -4.93 26.74
N6A NAP C . -2.45 -3.99 27.63
N1A NAP C . -0.77 -5.36 26.84
C2A NAP C . -0.31 -6.30 25.93
N3A NAP C . -1.15 -6.80 24.96
C4A NAP C . -2.41 -6.34 24.91
O3 NAP C . -7.87 -7.00 18.73
PN NAP C . -7.94 -6.88 17.15
O1N NAP C . -9.34 -6.60 16.75
O2N NAP C . -7.22 -7.97 16.48
O5D NAP C . -7.14 -5.48 17.00
C5D NAP C . -5.72 -5.46 16.76
C4D NAP C . -5.40 -4.00 16.42
O4D NAP C . -6.17 -3.58 15.27
C3D NAP C . -5.74 -3.02 17.56
O3D NAP C . -4.69 -2.02 17.68
C2D NAP C . -7.02 -2.37 17.13
O2D NAP C . -7.16 -1.02 17.69
C1D NAP C . -6.84 -2.34 15.62
N1N NAP C . -8.12 -2.30 14.86
C2N NAP C . -9.09 -3.31 15.00
C3N NAP C . -10.25 -3.26 14.25
C7N NAP C . -11.30 -4.22 14.35
O7N NAP C . -12.37 -4.01 13.78
N7N NAP C . -11.07 -5.35 14.99
C4N NAP C . -10.44 -2.22 13.35
C5N NAP C . -9.46 -1.23 13.18
C6N NAP C . -8.31 -1.28 13.94
P2B NAP C . -4.03 -10.99 25.04
O1X NAP C . -4.60 -12.04 24.17
O2X NAP C . -2.95 -11.47 26.08
O3X NAP C . -5.23 -10.26 25.82
C ACY D . -12.03 0.15 14.83
O ACY D . -10.89 0.62 15.02
OXT ACY D . -12.69 0.25 13.76
CH3 ACY D . -12.65 -0.61 16.00
C1 PEG E . 10.25 3.39 29.09
O1 PEG E . 11.06 2.75 28.10
C2 PEG E . 9.02 2.52 29.46
O2 PEG E . 7.80 3.24 29.23
C3 PEG E . 6.64 2.41 29.12
C4 PEG E . 5.77 2.84 27.95
O4 PEG E . 4.56 2.06 28.04
C1 PEG F . 22.28 -3.92 14.51
O1 PEG F . 22.95 -3.45 13.33
C2 PEG F . 21.48 -2.77 15.12
O2 PEG F . 21.90 -1.55 14.48
C3 PEG F . 21.92 -0.37 15.30
C4 PEG F . 22.99 0.53 14.71
O4 PEG F . 22.29 1.73 14.37
PA NAP G . 8.27 9.28 -19.17
O1A NAP G . 8.06 10.43 -19.99
O2A NAP G . 9.49 8.50 -18.95
O5B NAP G . 7.34 8.25 -19.96
C5B NAP G . 6.04 8.64 -20.44
C4B NAP G . 5.26 7.46 -21.02
O4B NAP G . 3.92 7.89 -21.33
C3B NAP G . 5.85 6.94 -22.35
O3B NAP G . 5.64 5.54 -22.46
C2B NAP G . 5.09 7.73 -23.39
O2B NAP G . 4.98 7.03 -24.66
C1B NAP G . 3.71 7.82 -22.78
N9A NAP G . 2.95 8.98 -23.29
C8A NAP G . 3.27 10.27 -23.09
N7A NAP G . 2.37 11.03 -23.72
C5A NAP G . 1.47 10.21 -24.28
C6A NAP G . 0.36 10.40 -25.03
N6A NAP G . -0.03 11.65 -25.30
N1A NAP G . -0.36 9.38 -25.50
C2A NAP G . 0.02 8.10 -25.21
N3A NAP G . 1.14 7.90 -24.44
C4A NAP G . 1.85 8.95 -24.01
O3 NAP G . 7.27 9.23 -17.91
PN NAP G . 7.59 8.78 -16.37
O1N NAP G . 8.54 9.69 -15.73
O2N NAP G . 7.85 7.34 -16.43
O5D NAP G . 6.13 9.04 -15.74
C5D NAP G . 5.11 8.03 -15.83
C4D NAP G . 3.97 8.56 -14.96
O4D NAP G . 4.48 8.82 -13.63
C3D NAP G . 3.35 9.89 -15.47
O3D NAP G . 1.88 9.87 -15.24
C2D NAP G . 3.98 10.91 -14.59
O2D NAP G . 3.13 12.09 -14.47
C1D NAP G . 4.10 10.15 -13.26
N1N NAP G . 5.14 10.64 -12.33
C2N NAP G . 6.50 10.77 -12.71
C3N NAP G . 7.46 11.22 -11.81
C7N NAP G . 8.84 11.39 -12.13
O7N NAP G . 9.60 11.93 -11.33
N7N NAP G . 9.30 10.88 -13.25
C4N NAP G . 7.05 11.55 -10.51
C5N NAP G . 5.73 11.40 -10.11
C6N NAP G . 4.78 10.95 -11.02
P2B NAP G . 6.12 7.20 -25.84
O1X NAP G . 7.32 6.44 -25.40
O2X NAP G . 5.33 6.63 -27.05
O3X NAP G . 6.34 8.74 -25.99
C ACY H . 6.44 14.64 -10.53
O ACY H . 7.12 14.70 -9.46
OXT ACY H . 5.25 14.28 -10.61
CH3 ACY H . 7.14 14.99 -11.85
#